data_6WJO
#
_entry.id   6WJO
#
_cell.length_a   82.990
_cell.length_b   82.990
_cell.length_c   82.990
_cell.angle_alpha   90.000
_cell.angle_beta   90.000
_cell.angle_gamma   90.000
#
_symmetry.space_group_name_H-M   'P 21 3'
#
loop_
_entity.id
_entity.type
_entity.pdbx_description
1 polymer 'Arginine repressor'
2 non-polymer TYROSINE
3 non-polymer 'SULFATE ION'
4 non-polymer 'SODIUM ION'
5 water water
#
_entity_poly.entity_id   1
_entity_poly.type   'polypeptide(L)'
_entity_poly.pdbx_seq_one_letter_code
;GTREKLRKMLDDLLVSVDHSGNIAVLRTPPGGAPFLASFIDRVGMEEVVGTIAGDDTVFVLARDPMTGQELGEFLSQRRS
GN
;
_entity_poly.pdbx_strand_id   A,B
#
# COMPACT_ATOMS: atom_id res chain seq x y z
N GLY A 1 -2.41 3.83 -18.22
CA GLY A 1 -1.03 3.71 -18.65
C GLY A 1 -0.07 3.46 -17.51
N THR A 2 1.10 2.91 -17.83
CA THR A 2 2.02 2.51 -16.78
C THR A 2 2.78 3.71 -16.22
N ARG A 3 3.26 4.61 -17.09
CA ARG A 3 3.95 5.81 -16.63
C ARG A 3 3.04 6.65 -15.75
N GLU A 4 1.74 6.71 -16.07
CA GLU A 4 0.83 7.50 -15.26
C GLU A 4 0.62 6.86 -13.89
N LYS A 5 0.45 5.54 -13.83
CA LYS A 5 0.29 4.88 -12.54
C LYS A 5 1.60 4.89 -11.74
N LEU A 6 2.74 4.81 -12.42
CA LEU A 6 4.00 5.00 -11.72
C LEU A 6 4.08 6.40 -11.14
N ARG A 7 3.67 7.40 -11.93
CA ARG A 7 3.68 8.77 -11.44
C ARG A 7 2.75 8.94 -10.25
N LYS A 8 1.51 8.45 -10.36
CA LYS A 8 0.57 8.58 -9.26
C LYS A 8 0.96 7.70 -8.08
N MET A 9 1.44 6.48 -8.33
CA MET A 9 1.93 5.65 -7.25
C MET A 9 3.00 6.38 -6.45
N LEU A 10 4.00 6.93 -7.15
CA LEU A 10 5.07 7.67 -6.48
C LEU A 10 4.56 8.95 -5.83
N ASP A 11 3.66 9.68 -6.53
CA ASP A 11 3.09 10.90 -5.97
C ASP A 11 2.44 10.64 -4.61
N ASP A 12 1.73 9.53 -4.49
CA ASP A 12 0.93 9.28 -3.30
C ASP A 12 1.64 8.45 -2.23
N LEU A 13 2.68 7.70 -2.58
CA LEU A 13 3.31 6.78 -1.63
C LEU A 13 4.74 7.16 -1.25
N LEU A 14 5.41 7.97 -2.05
CA LEU A 14 6.83 8.26 -1.79
C LEU A 14 6.91 9.49 -0.89
N VAL A 15 7.01 9.22 0.42
CA VAL A 15 7.21 10.30 1.39
C VAL A 15 8.59 10.92 1.19
N SER A 16 9.63 10.11 1.03
CA SER A 16 10.97 10.63 0.81
C SER A 16 11.83 9.56 0.12
N VAL A 17 12.94 10.02 -0.46
CA VAL A 17 13.95 9.15 -1.05
C VAL A 17 15.28 9.41 -0.34
N ASP A 18 16.03 8.34 -0.10
CA ASP A 18 17.39 8.46 0.40
C ASP A 18 18.20 7.33 -0.22
N HIS A 19 19.45 7.18 0.22
CA HIS A 19 20.38 6.30 -0.45
C HIS A 19 21.64 6.13 0.37
N SER A 20 22.28 4.98 0.18
CA SER A 20 23.63 4.77 0.67
C SER A 20 24.20 3.62 -0.15
N GLY A 21 25.37 3.85 -0.73
CA GLY A 21 25.96 2.79 -1.54
C GLY A 21 25.05 2.43 -2.69
N ASN A 22 24.84 1.13 -2.87
CA ASN A 22 24.00 0.60 -3.93
C ASN A 22 22.53 0.49 -3.56
N ILE A 23 22.09 1.08 -2.44
CA ILE A 23 20.71 0.94 -1.99
C ILE A 23 20.01 2.28 -2.03
N ALA A 24 18.89 2.35 -2.74
CA ALA A 24 17.98 3.47 -2.61
C ALA A 24 16.90 3.12 -1.59
N VAL A 25 16.67 4.05 -0.66
CA VAL A 25 15.73 3.83 0.42
C VAL A 25 14.49 4.66 0.16
N LEU A 26 13.35 3.98 0.09
CA LEU A 26 12.07 4.63 -0.13
C LEU A 26 11.28 4.63 1.17
N ARG A 27 10.80 5.79 1.57
CA ARG A 27 9.95 5.94 2.74
C ARG A 27 8.51 6.14 2.29
N THR A 28 7.59 5.37 2.90
CA THR A 28 6.16 5.45 2.57
C THR A 28 5.34 5.84 3.82
N PRO A 29 4.04 6.06 3.69
CA PRO A 29 3.18 6.12 4.88
C PRO A 29 3.04 4.72 5.47
N PRO A 30 2.35 4.56 6.60
CA PRO A 30 2.30 3.23 7.25
C PRO A 30 1.62 2.21 6.35
N GLY A 31 2.25 1.04 6.23
CA GLY A 31 1.75 -0.07 5.45
C GLY A 31 1.97 0.05 3.97
N GLY A 32 2.57 1.16 3.51
CA GLY A 32 2.60 1.49 2.10
C GLY A 32 3.75 0.85 1.34
N ALA A 33 4.77 0.40 2.08
CA ALA A 33 5.98 -0.14 1.45
C ALA A 33 5.72 -1.32 0.56
N PRO A 34 5.00 -2.38 0.97
CA PRO A 34 4.73 -3.48 0.03
C PRO A 34 3.92 -3.05 -1.18
N PHE A 35 2.96 -2.14 -0.97
CA PHE A 35 2.16 -1.59 -2.06
C PHE A 35 3.04 -0.91 -3.10
N LEU A 36 3.94 -0.05 -2.64
CA LEU A 36 4.81 0.68 -3.57
C LEU A 36 5.84 -0.24 -4.21
N ALA A 37 6.52 -1.05 -3.40
CA ALA A 37 7.60 -1.86 -3.91
C ALA A 37 7.13 -2.92 -4.90
N SER A 38 5.97 -3.55 -4.65
CA SER A 38 5.39 -4.49 -5.62
C SER A 38 5.19 -3.82 -6.98
N PHE A 39 4.63 -2.61 -6.99
CA PHE A 39 4.44 -1.90 -8.24
C PHE A 39 5.76 -1.60 -8.93
N ILE A 40 6.76 -1.15 -8.17
CA ILE A 40 8.07 -0.87 -8.75
C ILE A 40 8.64 -2.12 -9.41
N ASP A 41 8.57 -3.25 -8.70
CA ASP A 41 8.94 -4.52 -9.30
C ASP A 41 8.32 -4.67 -10.67
N ARG A 42 7.00 -4.47 -10.75
CA ARG A 42 6.27 -4.86 -11.93
C ARG A 42 6.44 -3.89 -13.10
N VAL A 43 6.96 -2.69 -12.88
CA VAL A 43 7.23 -1.79 -14.00
C VAL A 43 8.56 -2.09 -14.68
N GLY A 44 9.38 -2.97 -14.11
CA GLY A 44 10.48 -3.57 -14.83
C GLY A 44 11.71 -2.69 -15.00
N MET A 45 12.19 -2.13 -13.90
CA MET A 45 13.37 -1.26 -13.95
C MET A 45 14.63 -2.10 -14.06
N GLU A 46 15.31 -1.98 -15.21
CA GLU A 46 16.54 -2.71 -15.48
C GLU A 46 17.62 -2.38 -14.46
N GLU A 47 17.71 -1.11 -14.06
CA GLU A 47 18.68 -0.72 -13.05
C GLU A 47 18.35 -1.29 -11.67
N VAL A 48 17.17 -1.90 -11.49
CA VAL A 48 16.73 -2.38 -10.18
C VAL A 48 16.94 -3.89 -10.13
N VAL A 49 17.88 -4.32 -9.26
CA VAL A 49 18.15 -5.75 -9.09
C VAL A 49 16.99 -6.42 -8.40
N GLY A 50 16.44 -5.74 -7.40
CA GLY A 50 15.25 -6.20 -6.71
C GLY A 50 14.88 -5.19 -5.64
N THR A 51 13.79 -5.50 -4.96
CA THR A 51 13.30 -4.65 -3.88
C THR A 51 12.83 -5.53 -2.75
N ILE A 52 12.91 -5.02 -1.52
CA ILE A 52 12.24 -5.61 -0.37
C ILE A 52 11.52 -4.52 0.39
N ALA A 53 10.29 -4.80 0.78
CA ALA A 53 9.48 -3.88 1.54
C ALA A 53 9.28 -4.40 2.94
N GLY A 54 9.38 -3.49 3.90
CA GLY A 54 8.92 -3.81 5.24
C GLY A 54 7.52 -3.24 5.39
N ASP A 55 7.38 -2.26 6.28
CA ASP A 55 6.08 -1.64 6.47
C ASP A 55 6.01 -0.26 5.83
N ASP A 56 6.98 0.62 6.17
CA ASP A 56 7.02 1.98 5.64
C ASP A 56 8.37 2.27 5.00
N THR A 57 9.12 1.22 4.67
CA THR A 57 10.42 1.42 4.06
C THR A 57 10.64 0.34 3.01
N VAL A 58 11.23 0.74 1.89
CA VAL A 58 11.63 -0.15 0.81
C VAL A 58 13.12 0.04 0.58
N PHE A 59 13.87 -1.06 0.48
CA PHE A 59 15.24 -1.01 0.01
C PHE A 59 15.26 -1.43 -1.45
N VAL A 60 15.72 -0.55 -2.32
CA VAL A 60 15.86 -0.82 -3.74
C VAL A 60 17.34 -1.02 -4.02
N LEU A 61 17.69 -2.20 -4.51
CA LEU A 61 19.06 -2.55 -4.86
C LEU A 61 19.37 -2.12 -6.29
N ALA A 62 20.35 -1.23 -6.43
CA ALA A 62 20.76 -0.73 -7.74
C ALA A 62 21.63 -1.75 -8.45
N ARG A 63 21.35 -1.94 -9.74
CA ARG A 63 22.21 -2.76 -10.58
C ARG A 63 23.53 -2.04 -10.85
N ASP A 64 24.62 -2.74 -10.62
CA ASP A 64 25.94 -2.18 -10.90
C ASP A 64 26.03 -1.80 -12.37
N PRO A 65 26.61 -0.63 -12.70
CA PRO A 65 27.34 0.29 -11.82
C PRO A 65 26.51 1.44 -11.24
N MET A 66 25.22 1.45 -11.52
CA MET A 66 24.39 2.54 -11.01
C MET A 66 24.33 2.50 -9.49
N THR A 67 24.21 3.69 -8.89
CA THR A 67 24.24 3.86 -7.44
C THR A 67 22.83 3.96 -6.88
N GLY A 68 22.73 3.86 -5.55
CA GLY A 68 21.47 4.10 -4.90
C GLY A 68 20.95 5.50 -5.15
N GLN A 69 21.84 6.49 -5.03
CA GLN A 69 21.46 7.87 -5.31
C GLN A 69 20.90 8.02 -6.72
N GLU A 70 21.63 7.55 -7.73
CA GLU A 70 21.20 7.69 -9.12
C GLU A 70 19.87 6.99 -9.33
N LEU A 71 19.71 5.83 -8.71
CA LEU A 71 18.44 5.12 -8.77
C LEU A 71 17.34 5.96 -8.11
N GLY A 72 17.61 6.52 -6.93
CA GLY A 72 16.62 7.35 -6.28
C GLY A 72 16.29 8.59 -7.08
N GLU A 73 17.29 9.19 -7.74
CA GLU A 73 17.04 10.36 -8.58
C GLU A 73 16.17 10.03 -9.78
N PHE A 74 16.43 8.90 -10.45
CA PHE A 74 15.52 8.39 -11.49
C PHE A 74 14.08 8.37 -11.01
N LEU A 75 13.81 7.72 -9.87
CA LEU A 75 12.44 7.57 -9.38
C LEU A 75 11.82 8.91 -9.03
N SER A 76 12.61 9.82 -8.43
CA SER A 76 12.10 11.14 -8.11
C SER A 76 11.66 11.89 -9.38
N GLN A 77 12.40 11.72 -10.47
CA GLN A 77 12.03 12.41 -11.70
C GLN A 77 10.75 11.85 -12.30
N ARG A 78 10.41 10.61 -11.99
CA ARG A 78 9.13 10.05 -12.41
C ARG A 78 7.95 10.72 -11.69
N ARG A 79 8.19 11.27 -10.50
CA ARG A 79 7.16 12.03 -9.78
C ARG A 79 6.64 13.19 -10.63
N ARG B 3 -13.15 11.59 6.83
CA ARG B 3 -13.68 10.48 6.05
C ARG B 3 -13.50 10.71 4.55
N GLU B 4 -13.09 11.93 4.19
CA GLU B 4 -12.76 12.20 2.79
C GLU B 4 -11.50 11.46 2.37
N LYS B 5 -10.55 11.26 3.30
CA LYS B 5 -9.32 10.54 2.97
C LYS B 5 -9.58 9.04 2.86
N LEU B 6 -10.43 8.48 3.74
CA LEU B 6 -10.77 7.07 3.63
C LEU B 6 -11.48 6.79 2.31
N ARG B 7 -12.28 7.74 1.84
CA ARG B 7 -13.04 7.53 0.61
C ARG B 7 -12.10 7.40 -0.59
N LYS B 8 -11.09 8.27 -0.67
CA LYS B 8 -10.08 8.14 -1.72
C LYS B 8 -9.26 6.86 -1.53
N MET B 9 -8.95 6.53 -0.26
CA MET B 9 -8.21 5.30 0.03
C MET B 9 -8.95 4.07 -0.48
N LEU B 10 -10.27 4.02 -0.29
CA LEU B 10 -11.03 2.86 -0.75
C LEU B 10 -11.14 2.85 -2.27
N ASP B 11 -11.36 4.01 -2.88
CA ASP B 11 -11.45 4.08 -4.33
C ASP B 11 -10.19 3.53 -5.00
N ASP B 12 -9.03 3.85 -4.44
CA ASP B 12 -7.76 3.47 -5.05
C ASP B 12 -7.29 2.07 -4.67
N LEU B 13 -7.79 1.50 -3.58
CA LEU B 13 -7.26 0.25 -3.06
C LEU B 13 -8.27 -0.87 -2.97
N LEU B 14 -9.56 -0.56 -2.90
CA LEU B 14 -10.60 -1.57 -2.69
C LEU B 14 -10.93 -2.20 -4.03
N VAL B 15 -10.39 -3.40 -4.27
CA VAL B 15 -10.77 -4.17 -5.46
C VAL B 15 -12.11 -4.85 -5.24
N SER B 16 -12.34 -5.38 -4.03
CA SER B 16 -13.62 -6.02 -3.72
C SER B 16 -13.78 -6.10 -2.21
N VAL B 17 -15.03 -6.27 -1.79
CA VAL B 17 -15.35 -6.52 -0.39
C VAL B 17 -16.24 -7.75 -0.31
N ASP B 18 -15.93 -8.63 0.64
CA ASP B 18 -16.72 -9.82 0.90
C ASP B 18 -16.95 -9.94 2.41
N HIS B 19 -17.51 -11.06 2.86
CA HIS B 19 -17.88 -11.21 4.26
C HIS B 19 -18.15 -12.67 4.56
N SER B 20 -18.03 -13.02 5.83
CA SER B 20 -18.60 -14.24 6.37
C SER B 20 -18.68 -14.08 7.87
N GLY B 21 -19.84 -14.37 8.44
CA GLY B 21 -20.02 -14.18 9.88
C GLY B 21 -19.75 -12.75 10.26
N ASN B 22 -18.89 -12.56 11.25
CA ASN B 22 -18.59 -11.23 11.76
C ASN B 22 -17.33 -10.62 11.14
N ILE B 23 -16.91 -11.08 9.97
CA ILE B 23 -15.70 -10.58 9.34
C ILE B 23 -16.06 -10.00 7.98
N ALA B 24 -15.63 -8.78 7.74
CA ALA B 24 -15.60 -8.23 6.39
C ALA B 24 -14.19 -8.38 5.84
N VAL B 25 -14.11 -8.85 4.61
CA VAL B 25 -12.86 -9.08 3.91
C VAL B 25 -12.70 -8.03 2.83
N LEU B 26 -11.56 -7.35 2.82
CA LEU B 26 -11.18 -6.40 1.80
C LEU B 26 -10.08 -6.99 0.94
N ARG B 27 -10.25 -6.92 -0.37
CA ARG B 27 -9.22 -7.31 -1.31
C ARG B 27 -8.63 -6.06 -1.96
N THR B 28 -7.30 -6.02 -2.06
CA THR B 28 -6.56 -4.88 -2.59
C THR B 28 -5.67 -5.30 -3.75
N PRO B 29 -5.03 -4.37 -4.45
CA PRO B 29 -3.96 -4.76 -5.36
C PRO B 29 -2.81 -5.35 -4.56
N PRO B 30 -1.82 -5.94 -5.21
CA PRO B 30 -0.76 -6.61 -4.43
C PRO B 30 -0.03 -5.64 -3.50
N GLY B 31 0.25 -6.14 -2.30
CA GLY B 31 0.91 -5.37 -1.27
C GLY B 31 0.08 -4.26 -0.66
N GLY B 32 -1.15 -4.06 -1.12
CA GLY B 32 -1.99 -2.98 -0.64
C GLY B 32 -2.62 -3.18 0.72
N ALA B 33 -2.64 -4.41 1.26
CA ALA B 33 -3.46 -4.69 2.44
C ALA B 33 -3.02 -3.90 3.66
N PRO B 34 -1.76 -3.92 4.11
CA PRO B 34 -1.39 -3.10 5.28
C PRO B 34 -1.50 -1.60 5.04
N PHE B 35 -1.38 -1.14 3.80
CA PHE B 35 -1.61 0.27 3.52
C PHE B 35 -3.06 0.65 3.83
N LEU B 36 -4.01 -0.09 3.27
CA LEU B 36 -5.42 0.17 3.52
C LEU B 36 -5.76 -0.02 4.99
N ALA B 37 -5.35 -1.15 5.58
CA ALA B 37 -5.80 -1.54 6.91
C ALA B 37 -5.28 -0.61 7.99
N SER B 38 -4.03 -0.18 7.89
CA SER B 38 -3.51 0.78 8.86
C SER B 38 -4.30 2.08 8.80
N PHE B 39 -4.68 2.53 7.61
CA PHE B 39 -5.51 3.71 7.52
C PHE B 39 -6.87 3.49 8.16
N ILE B 40 -7.46 2.30 7.99
CA ILE B 40 -8.75 2.01 8.62
C ILE B 40 -8.61 2.09 10.14
N ASP B 41 -7.56 1.47 10.68
CA ASP B 41 -7.28 1.58 12.11
C ASP B 41 -7.26 3.03 12.54
N ARG B 42 -6.57 3.87 11.77
CA ARG B 42 -6.41 5.27 12.11
C ARG B 42 -7.76 5.96 12.23
N VAL B 43 -8.70 5.65 11.34
CA VAL B 43 -10.05 6.17 11.44
C VAL B 43 -10.63 5.87 12.83
N GLY B 44 -10.53 4.61 13.25
CA GLY B 44 -10.97 4.22 14.57
C GLY B 44 -12.46 4.10 14.70
N MET B 45 -13.09 3.27 13.88
CA MET B 45 -14.52 3.09 13.98
C MET B 45 -14.84 2.20 15.17
N GLU B 46 -15.91 2.54 15.89
CA GLU B 46 -16.27 1.78 17.08
C GLU B 46 -16.63 0.34 16.74
N GLU B 47 -17.26 0.12 15.59
CA GLU B 47 -17.69 -1.23 15.25
C GLU B 47 -16.57 -2.10 14.72
N VAL B 48 -15.38 -1.54 14.49
CA VAL B 48 -14.23 -2.33 14.07
C VAL B 48 -13.46 -2.74 15.31
N VAL B 49 -13.57 -4.03 15.69
CA VAL B 49 -12.79 -4.57 16.81
C VAL B 49 -11.32 -4.56 16.47
N GLY B 50 -10.99 -4.89 15.22
CA GLY B 50 -9.61 -4.87 14.79
C GLY B 50 -9.54 -5.30 13.35
N THR B 51 -8.36 -5.09 12.77
CA THR B 51 -8.02 -5.44 11.41
C THR B 51 -6.71 -6.22 11.43
N ILE B 52 -6.60 -7.19 10.53
CA ILE B 52 -5.33 -7.83 10.22
C ILE B 52 -5.11 -7.68 8.72
N ALA B 53 -3.91 -7.25 8.34
CA ALA B 53 -3.53 -7.19 6.94
C ALA B 53 -2.58 -8.33 6.61
N GLY B 54 -2.83 -9.01 5.49
CA GLY B 54 -1.85 -9.89 4.88
C GLY B 54 -1.10 -9.13 3.80
N ASP B 55 -1.10 -9.63 2.56
CA ASP B 55 -0.52 -8.89 1.43
C ASP B 55 -1.58 -8.12 0.65
N ASP B 56 -2.67 -8.79 0.27
CA ASP B 56 -3.69 -8.18 -0.58
C ASP B 56 -5.08 -8.43 -0.03
N THR B 57 -5.16 -8.85 1.22
CA THR B 57 -6.42 -9.16 1.85
C THR B 57 -6.39 -8.56 3.25
N VAL B 58 -7.52 -7.99 3.66
CA VAL B 58 -7.69 -7.46 5.00
C VAL B 58 -8.90 -8.13 5.62
N PHE B 59 -8.72 -8.68 6.81
CA PHE B 59 -9.84 -9.18 7.61
C PHE B 59 -10.20 -8.07 8.60
N VAL B 60 -11.46 -7.63 8.56
CA VAL B 60 -11.99 -6.60 9.45
C VAL B 60 -13.07 -7.24 10.32
N LEU B 61 -12.82 -7.30 11.62
CA LEU B 61 -13.70 -7.99 12.56
C LEU B 61 -14.80 -7.03 13.04
N ALA B 62 -16.05 -7.40 12.80
CA ALA B 62 -17.16 -6.51 13.15
C ALA B 62 -17.53 -6.73 14.62
N ARG B 63 -17.88 -5.64 15.31
CA ARG B 63 -18.23 -5.71 16.72
C ARG B 63 -19.68 -6.20 16.86
N ASP B 64 -19.86 -7.27 17.64
CA ASP B 64 -21.19 -7.78 17.92
C ASP B 64 -22.06 -6.66 18.47
N PRO B 65 -23.34 -6.56 18.05
CA PRO B 65 -24.06 -7.45 17.14
C PRO B 65 -24.00 -7.06 15.66
N MET B 66 -23.05 -6.23 15.24
CA MET B 66 -22.91 -5.94 13.81
C MET B 66 -22.28 -7.12 13.09
N THR B 67 -22.74 -7.37 11.86
CA THR B 67 -22.20 -8.44 11.04
C THR B 67 -21.09 -7.94 10.12
N GLY B 68 -20.27 -8.87 9.65
CA GLY B 68 -19.27 -8.55 8.64
C GLY B 68 -19.88 -8.09 7.33
N GLN B 69 -21.07 -8.59 7.00
CA GLN B 69 -21.79 -8.10 5.83
C GLN B 69 -22.14 -6.62 5.99
N GLU B 70 -22.65 -6.25 7.17
CA GLU B 70 -22.96 -4.85 7.44
C GLU B 70 -21.70 -3.99 7.44
N LEU B 71 -20.62 -4.48 8.02
CA LEU B 71 -19.40 -3.67 8.05
C LEU B 71 -18.82 -3.52 6.64
N GLY B 72 -18.92 -4.56 5.82
CA GLY B 72 -18.47 -4.46 4.44
C GLY B 72 -19.32 -3.52 3.61
N GLU B 73 -20.62 -3.47 3.89
CA GLU B 73 -21.48 -2.55 3.15
C GLU B 73 -21.13 -1.10 3.44
N PHE B 74 -20.81 -0.78 4.70
CA PHE B 74 -20.43 0.58 5.04
C PHE B 74 -19.13 0.97 4.35
N LEU B 75 -18.15 0.07 4.34
CA LEU B 75 -16.90 0.30 3.62
C LEU B 75 -17.13 0.38 2.12
N SER B 76 -17.97 -0.50 1.58
CA SER B 76 -18.28 -0.44 0.15
C SER B 76 -18.99 0.87 -0.19
N GLN B 77 -19.83 1.36 0.73
CA GLN B 77 -20.51 2.64 0.52
C GLN B 77 -19.50 3.77 0.31
N ARG B 78 -18.57 3.93 1.25
CA ARG B 78 -17.52 4.92 1.15
C ARG B 78 -16.47 4.50 0.12
#